data_4CQZ
#
_entry.id   4CQZ
#
_cell.length_a   101.149
_cell.length_b   101.149
_cell.length_c   447.887
_cell.angle_alpha   90.00
_cell.angle_beta   90.00
_cell.angle_gamma   120.00
#
_symmetry.space_group_name_H-M   'H 3 2'
#
loop_
_entity.id
_entity.type
_entity.pdbx_description
1 polymer 'Hemagglutinin HA1'
2 polymer 'Hemagglutinin HA2'
3 branched 'N-acetyl-alpha-neuraminic acid-(2-3)-beta-D-galactopyranose-(1-3)-2-acetamido-2-deoxy-beta-D-glucopyranose'
4 branched 2-acetamido-2-deoxy-beta-D-glucopyranose-(1-3)-2-acetamido-2-deoxy-beta-D-glucopyranose
5 branched 2-acetamido-2-deoxy-beta-D-glucopyranose-(1-4)-2-acetamido-2-deoxy-beta-D-glucopyranose
6 non-polymer 2-acetamido-2-deoxy-beta-D-glucopyranose
7 non-polymer '3[N-MORPHOLINO]PROPANE SULFONIC ACID'
8 water water
#
loop_
_entity_poly.entity_id
_entity_poly.type
_entity_poly.pdbx_seq_one_letter_code
_entity_poly.pdbx_strand_id
1 'polypeptide(L)'
;DQICIGYHANNSTEQVDTIMEKNVTVTHAQDILEKTHNGKLCDLDGVKPLILRDCSVAGWLLGNPMCDEFINVPEWSYIV
EKANPVNDLCYPGDFNDYEELKHLLSRINHFEKIQIIPKSSWSSHEASLGVSSACPYQGKSSFFRNVVWLIKKNSTYPTI
KRSYNNTNQEDLLVLWGIHHPNDAAEQTKLYRNPTTYISVGTSTLNQRLVPRIATRSKVNGQSGRMEFFWTILKPNDAIN
FESNGNFIAPEYAYKIVKKGDSTIMKSELEYGNCNTKCQTPMGAINSSMPFHNIHPLTIGECPKYVKSNRLVLATGLRNS
PQRETR
;
A
2 'polypeptide(L)'
;GLFGAIAGFIEGGWQGMVDGWYGYHHSNEQGSGYAADKESTQKAIDGVTNKVNSIIDKMNTQFEAVGREFNNLERRIENL
NKKMEDGFLDVWTYNAELLVLMENERTLDFHDSNVKNLYDKVRLQLRDNAKELGNGCFEFYHKCDNECMESVRNGTYDYP
QYSEEA
;
B
#
# COMPACT_ATOMS: atom_id res chain seq x y z
N ASP A 1 -26.99 -56.16 11.97
CA ASP A 1 -26.16 -55.51 10.93
C ASP A 1 -26.73 -54.14 10.59
N GLN A 2 -25.85 -53.14 10.48
CA GLN A 2 -26.29 -51.79 10.10
C GLN A 2 -25.26 -50.97 9.32
N ILE A 3 -25.78 -50.03 8.54
CA ILE A 3 -24.94 -49.06 7.83
C ILE A 3 -25.42 -47.66 8.21
N CYS A 4 -24.46 -46.77 8.47
CA CYS A 4 -24.76 -45.42 8.92
C CYS A 4 -24.19 -44.40 7.98
N ILE A 5 -24.87 -43.26 7.87
CA ILE A 5 -24.30 -42.11 7.17
C ILE A 5 -23.81 -41.11 8.20
N GLY A 6 -22.62 -40.57 7.98
CA GLY A 6 -22.01 -39.62 8.92
C GLY A 6 -20.99 -38.71 8.25
N TYR A 7 -20.31 -37.92 9.06
CA TYR A 7 -19.43 -36.90 8.54
C TYR A 7 -18.14 -36.78 9.35
N HIS A 8 -17.17 -36.11 8.76
CA HIS A 8 -15.81 -35.99 9.31
C HIS A 8 -15.76 -35.19 10.60
N ALA A 9 -14.85 -35.57 11.48
CA ALA A 9 -14.51 -34.77 12.65
C ALA A 9 -13.01 -34.90 12.87
N ASN A 10 -12.41 -33.91 13.50
CA ASN A 10 -10.98 -33.95 13.78
C ASN A 10 -10.65 -33.17 15.05
N ASN A 11 -9.36 -32.97 15.30
CA ASN A 11 -8.91 -32.31 16.53
C ASN A 11 -8.78 -30.80 16.36
N SER A 12 -9.45 -30.25 15.34
CA SER A 12 -9.29 -28.85 14.96
C SER A 12 -10.00 -27.92 15.95
N THR A 13 -9.33 -26.81 16.26
CA THR A 13 -9.86 -25.78 17.15
C THR A 13 -10.08 -24.47 16.40
N GLU A 14 -9.88 -24.49 15.08
CA GLU A 14 -10.11 -23.32 14.24
C GLU A 14 -11.58 -22.90 14.28
N GLN A 15 -11.82 -21.63 14.57
CA GLN A 15 -13.18 -21.09 14.66
C GLN A 15 -13.45 -20.09 13.56
N VAL A 16 -14.70 -20.01 13.13
CA VAL A 16 -15.12 -19.00 12.16
C VAL A 16 -16.43 -18.41 12.63
N ASP A 17 -16.73 -17.19 12.20
CA ASP A 17 -17.96 -16.51 12.56
C ASP A 17 -19.01 -16.63 11.45
N THR A 18 -20.28 -16.63 11.85
CA THR A 18 -21.39 -16.50 10.90
C THR A 18 -22.32 -15.39 11.39
N ILE A 19 -23.35 -15.08 10.61
CA ILE A 19 -24.32 -14.06 10.99
C ILE A 19 -25.04 -14.41 12.29
N MET A 20 -25.48 -15.66 12.39
CA MET A 20 -26.25 -16.13 13.54
C MET A 20 -25.41 -16.68 14.70
N GLU A 21 -24.15 -17.01 14.45
CA GLU A 21 -23.34 -17.67 15.47
C GLU A 21 -21.88 -17.31 15.33
N LYS A 22 -21.31 -16.80 16.44
CA LYS A 22 -19.90 -16.47 16.51
C LYS A 22 -19.13 -17.66 17.04
N ASN A 23 -17.86 -17.75 16.71
CA ASN A 23 -16.97 -18.77 17.27
C ASN A 23 -17.50 -20.20 17.07
N VAL A 24 -17.68 -20.56 15.80
CA VAL A 24 -18.07 -21.91 15.41
C VAL A 24 -16.82 -22.70 15.03
N THR A 25 -16.50 -23.74 15.80
CA THR A 25 -15.35 -24.59 15.51
C THR A 25 -15.61 -25.36 14.24
N VAL A 26 -14.60 -25.43 13.36
CA VAL A 26 -14.73 -26.17 12.12
C VAL A 26 -13.52 -27.06 11.88
N THR A 27 -13.71 -28.09 11.05
CA THR A 27 -12.65 -29.05 10.77
C THR A 27 -11.55 -28.41 9.93
N HIS A 28 -11.93 -27.53 9.02
CA HIS A 28 -10.97 -26.85 8.16
C HIS A 28 -11.34 -25.39 7.90
N ALA A 29 -10.34 -24.55 7.79
CA ALA A 29 -10.56 -23.12 7.58
C ALA A 29 -9.43 -22.55 6.74
N GLN A 30 -9.63 -21.35 6.23
CA GLN A 30 -8.59 -20.67 5.49
C GLN A 30 -8.51 -19.21 5.90
N ASP A 31 -7.44 -18.87 6.61
CA ASP A 31 -7.16 -17.48 6.95
C ASP A 31 -6.79 -16.76 5.65
N ILE A 32 -7.38 -15.59 5.43
CA ILE A 32 -7.12 -14.81 4.22
C ILE A 32 -6.58 -13.41 4.52
N LEU A 33 -6.22 -13.16 5.78
CA LEU A 33 -5.72 -11.86 6.21
C LEU A 33 -4.29 -11.96 6.72
N GLU A 34 -3.36 -11.28 6.04
CA GLU A 34 -1.99 -11.17 6.53
C GLU A 34 -1.92 -10.16 7.66
N LYS A 35 -1.41 -10.60 8.81
CA LYS A 35 -1.34 -9.73 9.97
C LYS A 35 0.08 -9.29 10.33
N THR A 36 1.09 -9.95 9.75
CA THR A 36 2.48 -9.68 10.12
C THR A 36 3.24 -8.91 9.05
N HIS A 37 4.37 -8.36 9.47
CA HIS A 37 5.31 -7.66 8.60
C HIS A 37 6.68 -7.69 9.26
N ASN A 38 7.75 -7.56 8.45
CA ASN A 38 9.12 -7.64 8.99
C ASN A 38 9.59 -6.37 9.73
N GLY A 39 8.83 -5.28 9.64
CA GLY A 39 9.09 -4.09 10.45
C GLY A 39 10.20 -3.20 9.93
N LYS A 40 10.55 -3.39 8.67
CA LYS A 40 11.72 -2.77 8.05
C LYS A 40 11.39 -2.10 6.73
N LEU A 41 12.18 -1.10 6.36
CA LEU A 41 12.11 -0.54 5.01
C LEU A 41 13.10 -1.32 4.13
N CYS A 42 12.61 -1.85 3.00
CA CYS A 42 13.38 -2.75 2.15
C CYS A 42 13.43 -2.26 0.72
N ASP A 43 14.28 -2.88 -0.08
CA ASP A 43 14.32 -2.62 -1.51
C ASP A 43 13.06 -3.19 -2.15
N LEU A 44 12.62 -2.60 -3.25
CA LEU A 44 11.42 -3.05 -3.95
C LEU A 44 11.79 -3.73 -5.27
N ASP A 45 11.73 -5.06 -5.28
CA ASP A 45 12.15 -5.87 -6.43
C ASP A 45 13.57 -5.50 -6.85
N GLY A 46 14.46 -5.48 -5.86
CA GLY A 46 15.88 -5.16 -6.06
C GLY A 46 16.23 -3.69 -5.94
N VAL A 47 15.28 -2.81 -6.26
CA VAL A 47 15.55 -1.38 -6.40
C VAL A 47 15.42 -0.63 -5.07
N LYS A 48 16.55 -0.17 -4.54
CA LYS A 48 16.61 0.50 -3.25
C LYS A 48 15.79 1.79 -3.24
N PRO A 49 15.12 2.10 -2.11
CA PRO A 49 14.44 3.38 -2.02
C PRO A 49 15.42 4.50 -1.75
N LEU A 50 14.97 5.72 -2.02
CA LEU A 50 15.71 6.92 -1.64
C LEU A 50 15.28 7.26 -0.22
N ILE A 51 16.15 7.01 0.75
CA ILE A 51 15.84 7.33 2.15
C ILE A 51 16.48 8.66 2.53
N LEU A 52 15.67 9.71 2.55
CA LEU A 52 16.16 11.08 2.78
C LEU A 52 16.69 11.29 4.20
N ARG A 53 16.39 10.37 5.09
CA ARG A 53 16.88 10.42 6.47
C ARG A 53 16.34 11.67 7.16
N ASP A 54 17.21 12.61 7.54
CA ASP A 54 16.76 13.85 8.18
C ASP A 54 16.50 14.99 7.19
N CYS A 55 16.86 14.79 5.92
CA CYS A 55 16.58 15.81 4.90
C CYS A 55 15.14 15.72 4.40
N SER A 56 14.60 16.87 4.00
CA SER A 56 13.32 16.93 3.31
C SER A 56 13.54 16.99 1.81
N VAL A 57 12.45 16.83 1.06
CA VAL A 57 12.51 16.91 -0.40
C VAL A 57 13.08 18.27 -0.82
N ALA A 58 12.62 19.32 -0.15
CA ALA A 58 13.14 20.68 -0.37
C ALA A 58 14.64 20.78 -0.09
N GLY A 59 15.04 20.33 1.10
CA GLY A 59 16.45 20.29 1.48
C GLY A 59 17.29 19.50 0.49
N TRP A 60 16.71 18.44 -0.07
CA TRP A 60 17.40 17.62 -1.06
C TRP A 60 17.53 18.35 -2.39
N LEU A 61 16.42 18.84 -2.92
CA LEU A 61 16.40 19.41 -4.27
C LEU A 61 17.16 20.73 -4.37
N LEU A 62 16.89 21.66 -3.45
CA LEU A 62 17.62 22.92 -3.41
C LEU A 62 19.10 22.70 -3.09
N GLY A 63 19.41 21.61 -2.40
CA GLY A 63 20.78 21.25 -2.10
C GLY A 63 21.29 21.87 -0.81
N ASN A 64 20.50 21.75 0.26
CA ASN A 64 20.96 22.06 1.60
C ASN A 64 22.31 21.37 1.83
N PRO A 65 23.31 22.10 2.36
CA PRO A 65 24.65 21.54 2.58
C PRO A 65 24.70 20.40 3.61
N MET A 66 23.67 20.29 4.45
CA MET A 66 23.51 19.12 5.32
C MET A 66 23.02 17.89 4.55
N CYS A 67 22.63 18.09 3.28
CA CYS A 67 22.07 17.03 2.45
C CYS A 67 23.02 16.64 1.32
N ASP A 68 24.31 16.64 1.61
CA ASP A 68 25.32 16.25 0.63
C ASP A 68 25.22 14.77 0.27
N GLU A 69 24.75 13.95 1.20
CA GLU A 69 24.50 12.52 0.93
C GLU A 69 23.64 12.33 -0.31
N PHE A 70 22.70 13.23 -0.52
CA PHE A 70 21.70 13.11 -1.59
C PHE A 70 22.00 13.99 -2.80
N ILE A 71 23.28 14.29 -2.99
CA ILE A 71 23.75 14.94 -4.20
C ILE A 71 23.98 13.82 -5.22
N ASN A 72 23.36 13.94 -6.39
CA ASN A 72 23.41 12.88 -7.41
C ASN A 72 23.03 11.48 -6.89
N VAL A 73 21.75 11.28 -6.62
CA VAL A 73 21.26 9.98 -6.13
C VAL A 73 20.87 9.06 -7.29
N PRO A 74 21.08 7.74 -7.12
CA PRO A 74 20.71 6.80 -8.17
C PRO A 74 19.20 6.60 -8.24
N GLU A 75 18.76 5.87 -9.27
CA GLU A 75 17.36 5.51 -9.44
C GLU A 75 16.79 4.89 -8.16
N TRP A 76 15.57 5.29 -7.81
CA TRP A 76 14.90 4.77 -6.61
C TRP A 76 13.59 4.06 -6.97
N SER A 77 13.09 3.28 -6.03
CA SER A 77 11.83 2.57 -6.17
C SER A 77 10.71 3.40 -5.55
N TYR A 78 10.97 3.87 -4.34
CA TYR A 78 10.11 4.80 -3.64
C TYR A 78 10.99 5.73 -2.82
N ILE A 79 10.39 6.81 -2.32
CA ILE A 79 11.09 7.76 -1.48
C ILE A 79 10.55 7.65 -0.07
N VAL A 80 11.43 7.80 0.91
CA VAL A 80 11.02 7.84 2.32
C VAL A 80 11.42 9.19 2.92
N GLU A 81 10.55 9.74 3.76
CA GLU A 81 10.75 11.05 4.35
C GLU A 81 10.18 11.02 5.76
N LYS A 82 10.87 11.62 6.71
CA LYS A 82 10.36 11.70 8.07
C LYS A 82 9.17 12.67 8.14
N ALA A 83 8.41 12.57 9.23
CA ALA A 83 7.27 13.45 9.45
C ALA A 83 7.71 14.91 9.61
N ASN A 84 8.79 15.13 10.35
CA ASN A 84 9.33 16.48 10.59
C ASN A 84 10.85 16.49 10.41
N PRO A 85 11.32 16.47 9.16
CA PRO A 85 12.77 16.42 8.92
C PRO A 85 13.44 17.71 9.34
N VAL A 86 14.54 17.60 10.09
CA VAL A 86 15.23 18.79 10.63
C VAL A 86 15.93 19.63 9.55
N ASN A 87 16.46 18.95 8.53
CA ASN A 87 17.20 19.62 7.45
C ASN A 87 16.30 19.97 6.28
N ASP A 88 15.42 20.93 6.51
CA ASP A 88 14.50 21.41 5.49
C ASP A 88 15.16 22.64 4.83
N LEU A 89 14.49 23.80 4.85
CA LEU A 89 15.08 25.04 4.37
C LEU A 89 15.92 25.65 5.49
N CYS A 90 17.24 25.42 5.42
CA CYS A 90 18.20 25.97 6.37
C CYS A 90 18.02 27.49 6.52
N TYR A 91 18.05 28.20 5.40
CA TYR A 91 17.72 29.62 5.40
C TYR A 91 16.20 29.73 5.35
N PRO A 92 15.60 30.38 6.35
CA PRO A 92 14.14 30.36 6.47
C PRO A 92 13.41 30.88 5.23
N GLY A 93 12.21 30.37 4.97
CA GLY A 93 11.46 30.83 3.81
C GLY A 93 10.24 30.01 3.43
N ASP A 94 10.01 29.92 2.13
CA ASP A 94 8.90 29.15 1.58
C ASP A 94 9.32 28.48 0.28
N PHE A 95 8.69 27.35 0.00
CA PHE A 95 8.85 26.67 -1.27
C PHE A 95 7.50 26.75 -1.97
N ASN A 96 7.45 27.52 -3.05
CA ASN A 96 6.21 27.75 -3.78
C ASN A 96 5.72 26.50 -4.51
N ASP A 97 4.41 26.25 -4.43
CA ASP A 97 3.77 25.05 -5.00
C ASP A 97 4.51 23.75 -4.68
N TYR A 98 4.91 23.62 -3.41
CA TYR A 98 5.76 22.53 -2.95
C TYR A 98 5.08 21.17 -3.02
N GLU A 99 3.78 21.16 -2.69
CA GLU A 99 3.02 19.92 -2.69
C GLU A 99 2.78 19.45 -4.12
N GLU A 100 2.48 20.39 -5.02
CA GLU A 100 2.32 20.07 -6.44
C GLU A 100 3.60 19.49 -7.02
N LEU A 101 4.74 19.91 -6.48
CA LEU A 101 6.02 19.36 -6.91
C LEU A 101 6.17 17.94 -6.36
N LYS A 102 5.96 17.79 -5.05
CA LYS A 102 5.97 16.48 -4.42
C LYS A 102 5.09 15.47 -5.17
N HIS A 103 3.96 15.94 -5.67
CA HIS A 103 3.08 15.10 -6.46
C HIS A 103 3.75 14.64 -7.74
N LEU A 104 4.51 15.52 -8.38
CA LEU A 104 5.26 15.16 -9.58
C LEU A 104 6.28 14.05 -9.30
N LEU A 105 6.90 14.11 -8.13
CA LEU A 105 7.89 13.10 -7.71
C LEU A 105 7.33 11.71 -7.53
N SER A 106 6.03 11.63 -7.22
CA SER A 106 5.36 10.34 -7.06
CA SER A 106 5.39 10.33 -7.05
C SER A 106 5.32 9.58 -8.38
N ARG A 107 5.58 10.29 -9.48
CA ARG A 107 5.62 9.71 -10.82
C ARG A 107 7.05 9.65 -11.39
N ILE A 108 8.05 9.92 -10.55
CA ILE A 108 9.44 9.97 -10.99
C ILE A 108 10.32 9.00 -10.20
N ASN A 109 11.15 8.26 -10.92
CA ASN A 109 12.07 7.30 -10.33
C ASN A 109 13.54 7.72 -10.40
N HIS A 110 13.88 8.67 -11.27
CA HIS A 110 15.28 9.11 -11.39
C HIS A 110 15.48 10.52 -11.95
N PHE A 111 16.31 11.28 -11.23
CA PHE A 111 16.82 12.55 -11.71
C PHE A 111 18.27 12.39 -12.12
N GLU A 112 18.68 13.10 -13.17
CA GLU A 112 20.10 13.32 -13.46
C GLU A 112 20.37 14.81 -13.36
N LYS A 113 21.23 15.20 -12.42
CA LYS A 113 21.56 16.61 -12.19
C LYS A 113 22.51 17.14 -13.25
N ILE A 114 22.23 18.33 -13.78
CA ILE A 114 23.16 18.98 -14.71
C ILE A 114 23.25 20.50 -14.50
N GLN A 115 24.41 21.06 -14.83
CA GLN A 115 24.65 22.49 -14.69
C GLN A 115 24.07 23.22 -15.88
N ILE A 116 23.23 24.21 -15.61
CA ILE A 116 22.67 25.04 -16.69
C ILE A 116 23.28 26.44 -16.72
N ILE A 117 23.57 27.01 -15.55
CA ILE A 117 24.24 28.32 -15.47
C ILE A 117 25.47 28.19 -14.57
N PRO A 118 26.68 28.10 -15.15
CA PRO A 118 27.88 27.91 -14.33
C PRO A 118 28.10 29.05 -13.35
N LYS A 119 28.69 28.73 -12.20
CA LYS A 119 28.93 29.71 -11.15
C LYS A 119 29.97 30.73 -11.61
N SER A 120 31.02 30.23 -12.28
CA SER A 120 32.06 31.08 -12.88
C SER A 120 31.48 32.10 -13.87
N SER A 121 30.43 31.69 -14.57
CA SER A 121 29.80 32.51 -15.62
C SER A 121 29.43 33.95 -15.22
N TRP A 122 29.22 34.20 -13.92
CA TRP A 122 28.77 35.51 -13.45
C TRP A 122 29.91 36.52 -13.35
N SER A 123 30.21 37.18 -14.47
CA SER A 123 31.33 38.13 -14.52
C SER A 123 30.94 39.52 -13.98
N SER A 124 29.75 39.97 -14.34
CA SER A 124 29.22 41.28 -13.88
C SER A 124 28.87 41.32 -12.37
N HIS A 125 28.61 40.16 -11.77
CA HIS A 125 28.13 40.09 -10.37
C HIS A 125 28.97 39.14 -9.51
N GLU A 126 28.85 39.28 -8.20
CA GLU A 126 29.60 38.44 -7.25
C GLU A 126 28.78 37.20 -6.88
N ALA A 127 29.43 36.03 -6.95
CA ALA A 127 28.73 34.74 -6.78
C ALA A 127 29.23 33.87 -5.63
N SER A 128 30.37 34.21 -5.03
CA SER A 128 30.96 33.40 -3.96
C SER A 128 30.79 33.98 -2.56
N LEU A 129 29.95 35.01 -2.43
CA LEU A 129 29.68 35.64 -1.14
C LEU A 129 28.22 35.48 -0.72
N GLY A 130 27.48 34.61 -1.42
CA GLY A 130 26.06 34.40 -1.15
C GLY A 130 25.80 33.28 -0.15
N VAL A 131 26.20 33.52 1.10
CA VAL A 131 26.15 32.50 2.16
C VAL A 131 25.49 33.03 3.44
N SER A 132 25.24 32.12 4.39
CA SER A 132 24.57 32.47 5.65
C SER A 132 24.94 31.53 6.81
N SER A 133 24.79 32.04 8.03
CA SER A 133 25.01 31.26 9.24
C SER A 133 23.91 30.23 9.47
N ALA A 134 22.69 30.56 9.00
CA ALA A 134 21.55 29.65 9.10
C ALA A 134 21.77 28.36 8.33
N CYS A 135 22.62 28.43 7.32
CA CYS A 135 22.83 27.33 6.39
C CYS A 135 24.33 26.92 6.32
N PRO A 136 24.86 26.36 7.43
CA PRO A 136 26.29 26.11 7.60
C PRO A 136 26.81 24.79 7.03
N TYR A 137 28.10 24.75 6.71
CA TYR A 137 28.78 23.51 6.31
C TYR A 137 30.20 23.46 6.88
N GLN A 138 30.52 22.38 7.58
CA GLN A 138 31.81 22.21 8.23
C GLN A 138 32.19 23.44 9.05
N GLY A 139 31.22 23.98 9.78
CA GLY A 139 31.46 25.10 10.69
C GLY A 139 31.49 26.48 10.08
N LYS A 140 31.32 26.58 8.76
CA LYS A 140 31.39 27.85 8.04
C LYS A 140 30.05 28.16 7.35
N SER A 141 29.82 29.44 7.08
CA SER A 141 28.59 29.87 6.40
C SER A 141 28.57 29.42 4.95
N SER A 142 27.57 28.61 4.59
CA SER A 142 27.43 28.08 3.23
C SER A 142 26.02 28.36 2.72
N PHE A 143 25.60 27.63 1.67
CA PHE A 143 24.28 27.87 1.07
C PHE A 143 23.82 26.71 0.19
N PHE A 144 22.52 26.69 -0.11
CA PHE A 144 21.92 25.77 -1.06
C PHE A 144 22.82 25.57 -2.29
N ARG A 145 23.36 24.37 -2.46
CA ARG A 145 24.38 24.11 -3.48
C ARG A 145 23.91 24.25 -4.93
N ASN A 146 22.61 24.22 -5.18
CA ASN A 146 22.09 24.18 -6.56
C ASN A 146 21.68 25.55 -7.08
N VAL A 147 21.66 26.53 -6.19
CA VAL A 147 21.37 27.91 -6.60
C VAL A 147 22.46 28.87 -6.10
N VAL A 148 22.62 29.97 -6.81
CA VAL A 148 23.67 30.96 -6.51
C VAL A 148 23.03 32.23 -6.00
N TRP A 149 23.35 32.60 -4.76
CA TRP A 149 22.88 33.87 -4.19
C TRP A 149 23.78 35.01 -4.68
N LEU A 150 23.39 35.64 -5.78
CA LEU A 150 24.16 36.71 -6.38
C LEU A 150 24.01 38.01 -5.60
N ILE A 151 25.12 38.74 -5.46
CA ILE A 151 25.15 40.08 -4.87
C ILE A 151 25.98 41.05 -5.71
N LYS A 152 25.88 42.33 -5.39
CA LYS A 152 26.58 43.39 -6.12
C LYS A 152 28.10 43.21 -6.18
N LYS A 153 28.68 43.60 -7.31
CA LYS A 153 30.12 43.54 -7.51
C LYS A 153 30.64 44.97 -7.67
N ASN A 154 31.46 45.40 -6.71
CA ASN A 154 32.01 46.76 -6.66
C ASN A 154 30.91 47.83 -6.68
N SER A 155 29.93 47.65 -5.79
CA SER A 155 28.87 48.64 -5.53
C SER A 155 27.90 48.86 -6.70
N THR A 156 27.75 47.85 -7.55
CA THR A 156 26.86 47.93 -8.72
C THR A 156 26.16 46.59 -8.95
N TYR A 157 24.88 46.65 -9.33
CA TYR A 157 24.13 45.45 -9.72
C TYR A 157 23.45 45.73 -11.05
N PRO A 158 24.16 45.50 -12.17
CA PRO A 158 23.57 45.72 -13.48
C PRO A 158 22.51 44.69 -13.81
N THR A 159 21.56 45.06 -14.66
CA THR A 159 20.46 44.16 -15.03
C THR A 159 21.01 42.87 -15.61
N ILE A 160 20.60 41.76 -15.00
CA ILE A 160 20.95 40.41 -15.47
C ILE A 160 20.01 40.03 -16.61
N LYS A 161 20.54 39.33 -17.60
CA LYS A 161 19.74 38.82 -18.71
C LYS A 161 20.33 37.49 -19.17
N ARG A 162 19.80 36.38 -18.66
CA ARG A 162 20.32 35.05 -18.96
C ARG A 162 19.25 34.14 -19.52
N SER A 163 19.67 33.24 -20.40
CA SER A 163 18.77 32.25 -20.99
C SER A 163 19.40 30.85 -20.95
N TYR A 164 18.55 29.85 -20.77
CA TYR A 164 18.96 28.47 -20.97
C TYR A 164 18.00 27.75 -21.92
N ASN A 165 18.57 27.03 -22.87
CA ASN A 165 17.82 26.27 -23.86
C ASN A 165 17.85 24.80 -23.48
N ASN A 166 16.68 24.18 -23.37
CA ASN A 166 16.60 22.76 -23.09
C ASN A 166 16.86 21.96 -24.36
N THR A 167 18.13 21.72 -24.65
CA THR A 167 18.53 20.98 -25.84
C THR A 167 18.34 19.48 -25.65
N ASN A 168 18.78 18.97 -24.50
CA ASN A 168 18.57 17.56 -24.15
C ASN A 168 17.11 17.08 -24.20
N GLN A 169 16.91 15.81 -24.53
CA GLN A 169 15.57 15.25 -24.82
C GLN A 169 14.59 15.26 -23.64
N GLU A 170 15.11 15.21 -22.41
CA GLU A 170 14.31 14.99 -21.21
C GLU A 170 13.79 16.30 -20.59
N ASP A 171 12.53 16.30 -20.15
CA ASP A 171 11.95 17.40 -19.37
C ASP A 171 12.96 17.81 -18.31
N LEU A 172 13.05 19.10 -18.04
CA LEU A 172 14.00 19.63 -17.07
C LEU A 172 13.30 20.37 -15.94
N LEU A 173 13.67 20.03 -14.70
CA LEU A 173 13.17 20.73 -13.52
C LEU A 173 14.14 21.85 -13.17
N VAL A 174 13.67 23.09 -13.34
CA VAL A 174 14.47 24.28 -13.03
C VAL A 174 14.00 24.89 -11.72
N LEU A 175 14.97 25.22 -10.86
CA LEU A 175 14.70 25.81 -9.55
C LEU A 175 15.39 27.15 -9.43
N TRP A 176 14.67 28.15 -8.95
CA TRP A 176 15.26 29.44 -8.61
C TRP A 176 14.56 30.03 -7.40
N GLY A 177 15.02 31.19 -6.95
CA GLY A 177 14.44 31.84 -5.78
C GLY A 177 14.53 33.35 -5.81
N ILE A 178 14.01 33.97 -4.75
CA ILE A 178 14.10 35.41 -4.55
C ILE A 178 14.38 35.66 -3.08
N HIS A 179 15.21 36.66 -2.79
CA HIS A 179 15.51 37.02 -1.42
C HIS A 179 14.66 38.22 -0.96
N HIS A 180 14.05 38.06 0.21
CA HIS A 180 13.30 39.13 0.84
C HIS A 180 14.15 39.63 2.01
N PRO A 181 14.60 40.89 1.94
CA PRO A 181 15.44 41.45 3.00
C PRO A 181 14.61 42.04 4.12
N ASN A 182 15.29 42.44 5.21
CA ASN A 182 14.61 42.93 6.40
C ASN A 182 14.16 44.39 6.30
N ASP A 183 15.01 45.24 5.72
CA ASP A 183 14.73 46.67 5.58
C ASP A 183 15.34 47.27 4.30
N ALA A 184 15.14 48.58 4.10
CA ALA A 184 15.66 49.28 2.93
C ALA A 184 17.18 49.39 2.92
N ALA A 185 17.77 49.43 4.12
CA ALA A 185 19.23 49.50 4.26
C ALA A 185 19.91 48.18 3.89
N GLU A 186 19.23 47.07 4.11
CA GLU A 186 19.74 45.76 3.70
C GLU A 186 19.67 45.60 2.18
N GLN A 187 18.56 46.07 1.59
CA GLN A 187 18.37 46.03 0.13
C GLN A 187 19.55 46.67 -0.61
N THR A 188 19.89 47.90 -0.25
CA THR A 188 21.00 48.62 -0.90
C THR A 188 22.34 47.97 -0.55
N LYS A 189 22.50 47.54 0.70
CA LYS A 189 23.75 46.90 1.14
C LYS A 189 24.13 45.66 0.33
N LEU A 190 23.14 44.90 -0.15
CA LEU A 190 23.40 43.68 -0.92
C LEU A 190 23.28 43.87 -2.43
N TYR A 191 22.35 44.73 -2.86
CA TYR A 191 21.99 44.83 -4.28
C TYR A 191 22.05 46.26 -4.86
N ARG A 192 22.35 47.24 -4.02
CA ARG A 192 22.35 48.67 -4.39
C ARG A 192 20.98 49.21 -4.84
N ASN A 193 20.40 48.62 -5.89
CA ASN A 193 19.13 49.09 -6.44
C ASN A 193 18.02 48.98 -5.38
N PRO A 194 17.25 50.05 -5.17
CA PRO A 194 16.22 50.01 -4.11
C PRO A 194 14.99 49.21 -4.53
N THR A 195 14.55 49.37 -5.78
CA THR A 195 13.39 48.68 -6.30
C THR A 195 13.86 47.66 -7.34
N THR A 196 13.75 46.38 -7.02
CA THR A 196 14.20 45.33 -7.92
C THR A 196 13.06 44.41 -8.32
N TYR A 197 13.37 43.51 -9.24
CA TYR A 197 12.41 42.54 -9.74
C TYR A 197 13.15 41.34 -10.32
N ILE A 198 12.43 40.23 -10.51
CA ILE A 198 12.94 39.08 -11.24
C ILE A 198 11.87 38.62 -12.21
N SER A 199 12.13 38.75 -13.51
CA SER A 199 11.17 38.29 -14.50
C SER A 199 11.63 36.95 -15.08
N VAL A 200 10.71 36.01 -15.16
CA VAL A 200 10.99 34.67 -15.67
C VAL A 200 9.99 34.35 -16.76
N GLY A 201 10.48 33.94 -17.92
CA GLY A 201 9.62 33.60 -19.06
C GLY A 201 9.97 32.27 -19.70
N THR A 202 8.95 31.54 -20.12
CA THR A 202 9.12 30.38 -21.00
C THR A 202 7.99 30.40 -22.03
N SER A 203 7.79 29.28 -22.72
CA SER A 203 6.61 29.08 -23.57
C SER A 203 5.35 29.41 -22.81
N THR A 204 5.27 28.93 -21.57
CA THR A 204 4.08 29.06 -20.76
C THR A 204 4.25 30.10 -19.66
N LEU A 205 5.39 30.08 -18.99
CA LEU A 205 5.59 30.92 -17.81
C LEU A 205 5.67 32.43 -18.12
N ASN A 206 4.98 33.22 -17.30
CA ASN A 206 5.05 34.68 -17.38
C ASN A 206 5.11 35.28 -15.97
N GLN A 207 6.27 35.18 -15.34
CA GLN A 207 6.45 35.56 -13.94
C GLN A 207 7.19 36.89 -13.79
N ARG A 208 6.90 37.60 -12.70
CA ARG A 208 7.57 38.86 -12.37
C ARG A 208 7.59 39.04 -10.85
N LEU A 209 8.61 38.49 -10.20
CA LEU A 209 8.69 38.52 -8.75
C LEU A 209 9.28 39.84 -8.27
N VAL A 210 8.79 40.34 -7.14
CA VAL A 210 9.34 41.54 -6.51
C VAL A 210 9.50 41.31 -5.02
N PRO A 211 10.62 41.79 -4.43
CA PRO A 211 10.86 41.54 -3.01
C PRO A 211 9.90 42.26 -2.09
N ARG A 212 9.28 41.51 -1.18
CA ARG A 212 8.42 42.06 -0.15
C ARG A 212 9.22 42.25 1.12
N ILE A 213 9.34 43.50 1.55
CA ILE A 213 10.04 43.83 2.79
C ILE A 213 9.08 43.79 3.97
N ALA A 214 9.53 43.17 5.07
CA ALA A 214 8.78 43.14 6.33
C ALA A 214 9.72 42.70 7.45
N THR A 215 9.45 43.17 8.67
CA THR A 215 10.27 42.80 9.81
C THR A 215 9.72 41.52 10.40
N ARG A 216 10.57 40.49 10.47
CA ARG A 216 10.13 39.15 10.79
C ARG A 216 10.93 38.56 11.93
N SER A 217 10.31 37.64 12.65
CA SER A 217 10.98 36.90 13.71
C SER A 217 12.17 36.15 13.13
N LYS A 218 13.27 36.08 13.89
CA LYS A 218 14.40 35.28 13.48
C LYS A 218 13.99 33.81 13.45
N VAL A 219 14.40 33.12 12.40
CA VAL A 219 14.22 31.69 12.29
C VAL A 219 15.56 31.15 11.82
N ASN A 220 16.17 30.29 12.63
CA ASN A 220 17.56 29.88 12.43
C ASN A 220 18.49 31.08 12.39
N GLY A 221 18.25 32.04 13.27
CA GLY A 221 19.12 33.20 13.43
C GLY A 221 19.03 34.25 12.33
N GLN A 222 18.01 34.16 11.48
CA GLN A 222 17.85 35.09 10.36
C GLN A 222 16.41 35.56 10.19
N SER A 223 16.25 36.86 9.94
CA SER A 223 14.93 37.46 9.77
C SER A 223 14.55 37.62 8.30
N GLY A 224 15.56 37.62 7.42
CA GLY A 224 15.32 37.59 5.98
C GLY A 224 14.62 36.31 5.58
N ARG A 225 14.12 36.26 4.34
CA ARG A 225 13.41 35.08 3.83
C ARG A 225 13.80 34.77 2.38
N MET A 226 13.67 33.51 2.01
CA MET A 226 13.84 33.09 0.63
C MET A 226 12.55 32.44 0.18
N GLU A 227 12.16 32.69 -1.07
CA GLU A 227 10.95 32.10 -1.62
C GLU A 227 11.34 31.41 -2.91
N PHE A 228 11.25 30.09 -2.90
CA PHE A 228 11.74 29.30 -4.02
C PHE A 228 10.61 28.91 -4.97
N PHE A 229 10.86 29.12 -6.25
CA PHE A 229 9.92 28.81 -7.32
C PHE A 229 10.51 27.76 -8.24
N TRP A 230 9.66 27.15 -9.06
CA TRP A 230 10.11 26.11 -9.96
C TRP A 230 9.25 26.03 -11.20
N THR A 231 9.78 25.36 -12.22
CA THR A 231 9.02 25.06 -13.42
C THR A 231 9.55 23.77 -14.05
N ILE A 232 8.77 23.22 -14.97
CA ILE A 232 9.23 22.12 -15.81
C ILE A 232 9.41 22.73 -17.19
N LEU A 233 10.66 22.70 -17.66
CA LEU A 233 11.01 23.28 -18.94
C LEU A 233 10.98 22.18 -19.98
N LYS A 234 10.03 22.27 -20.91
CA LYS A 234 9.81 21.22 -21.91
C LYS A 234 10.99 21.10 -22.88
N PRO A 235 11.04 20.01 -23.68
CA PRO A 235 12.17 19.89 -24.62
C PRO A 235 12.16 20.99 -25.65
N ASN A 236 13.36 21.48 -26.00
CA ASN A 236 13.51 22.44 -27.09
C ASN A 236 12.91 23.81 -26.73
N ASP A 237 12.74 24.07 -25.45
CA ASP A 237 12.17 25.33 -24.96
C ASP A 237 13.21 26.03 -24.10
N ALA A 238 13.15 27.35 -24.07
CA ALA A 238 14.11 28.16 -23.34
C ALA A 238 13.45 28.89 -22.18
N ILE A 239 14.21 29.06 -21.10
CA ILE A 239 13.79 29.89 -19.96
C ILE A 239 14.64 31.17 -19.90
N ASN A 240 13.98 32.31 -19.70
CA ASN A 240 14.64 33.63 -19.77
C ASN A 240 14.54 34.39 -18.46
N PHE A 241 15.69 34.64 -17.83
CA PHE A 241 15.73 35.41 -16.59
C PHE A 241 16.12 36.86 -16.85
N GLU A 242 15.68 37.75 -15.98
CA GLU A 242 16.11 39.15 -15.99
C GLU A 242 15.82 39.75 -14.61
N SER A 243 16.82 40.43 -14.02
CA SER A 243 16.67 40.93 -12.65
C SER A 243 17.64 42.07 -12.26
N ASN A 244 17.16 42.97 -11.40
CA ASN A 244 17.97 44.04 -10.79
C ASN A 244 18.62 43.66 -9.47
N GLY A 245 18.21 42.53 -8.90
CA GLY A 245 18.68 42.13 -7.58
C GLY A 245 17.72 41.22 -6.86
N ASN A 246 18.18 40.68 -5.74
CA ASN A 246 17.44 39.72 -4.93
C ASN A 246 17.28 38.37 -5.62
N PHE A 247 18.01 38.16 -6.71
CA PHE A 247 17.85 36.98 -7.55
C PHE A 247 18.71 35.83 -7.04
N ILE A 248 18.05 34.71 -6.75
CA ILE A 248 18.75 33.47 -6.41
C ILE A 248 18.71 32.63 -7.67
N ALA A 249 19.80 32.67 -8.42
CA ALA A 249 19.86 32.07 -9.76
C ALA A 249 20.13 30.57 -9.70
N PRO A 250 19.61 29.82 -10.69
CA PRO A 250 19.96 28.42 -10.78
C PRO A 250 21.42 28.22 -11.15
N GLU A 251 22.04 27.19 -10.59
CA GLU A 251 23.29 26.67 -11.12
C GLU A 251 23.00 25.29 -11.72
N TYR A 252 22.49 24.40 -10.89
CA TYR A 252 22.13 23.05 -11.31
C TYR A 252 20.62 22.89 -11.39
N ALA A 253 20.19 22.10 -12.36
CA ALA A 253 18.79 21.75 -12.55
C ALA A 253 18.70 20.24 -12.79
N TYR A 254 17.62 19.63 -12.31
CA TYR A 254 17.46 18.18 -12.38
C TYR A 254 16.77 17.74 -13.67
N LYS A 255 17.34 16.73 -14.31
CA LYS A 255 16.81 16.18 -15.54
C LYS A 255 15.95 14.96 -15.22
N ILE A 256 14.79 14.86 -15.86
CA ILE A 256 13.84 13.78 -15.58
C ILE A 256 14.03 12.64 -16.58
N VAL A 257 14.92 11.72 -16.24
CA VAL A 257 15.29 10.63 -17.15
C VAL A 257 14.26 9.50 -17.13
N LYS A 258 13.77 9.15 -15.94
CA LYS A 258 12.83 8.04 -15.80
C LYS A 258 11.58 8.39 -15.01
N LYS A 259 10.43 8.15 -15.63
CA LYS A 259 9.13 8.28 -14.99
C LYS A 259 8.53 6.91 -14.77
N GLY A 260 7.94 6.67 -13.61
CA GLY A 260 7.28 5.40 -13.32
C GLY A 260 6.49 5.40 -12.04
N ASP A 261 6.18 4.21 -11.55
CA ASP A 261 5.47 4.07 -10.29
C ASP A 261 6.40 4.36 -9.13
N SER A 262 5.98 5.27 -8.26
CA SER A 262 6.74 5.62 -7.08
C SER A 262 5.81 6.25 -6.06
N THR A 263 6.35 6.62 -4.91
CA THR A 263 5.56 7.25 -3.86
C THR A 263 6.48 7.87 -2.81
N ILE A 264 5.96 8.85 -2.09
CA ILE A 264 6.68 9.46 -0.97
C ILE A 264 6.05 8.92 0.31
N MET A 265 6.77 8.00 0.93
CA MET A 265 6.34 7.32 2.14
C MET A 265 6.75 8.16 3.34
N LYS A 266 5.85 8.33 4.29
CA LYS A 266 6.16 9.02 5.54
C LYS A 266 6.44 7.97 6.59
N SER A 267 7.66 7.96 7.11
CA SER A 267 8.11 6.94 8.06
C SER A 267 9.36 7.41 8.80
N GLU A 268 9.43 7.09 10.09
CA GLU A 268 10.61 7.41 10.89
C GLU A 268 11.66 6.32 10.82
N LEU A 269 11.31 5.18 10.22
CA LEU A 269 12.24 4.05 10.10
C LEU A 269 13.38 4.35 9.15
N GLU A 270 14.47 3.62 9.34
CA GLU A 270 15.65 3.71 8.48
C GLU A 270 15.74 2.45 7.61
N TYR A 271 16.78 2.38 6.78
CA TYR A 271 17.00 1.24 5.88
C TYR A 271 17.20 -0.07 6.68
N GLY A 272 16.69 -1.17 6.14
CA GLY A 272 16.70 -2.47 6.84
C GLY A 272 17.58 -3.57 6.24
N ASN A 273 18.16 -3.30 5.07
CA ASN A 273 18.97 -4.28 4.32
C ASN A 273 18.19 -5.53 3.94
N CYS A 274 17.00 -5.33 3.38
CA CYS A 274 16.14 -6.43 2.95
C CYS A 274 15.61 -6.18 1.55
N ASN A 275 14.91 -7.18 1.00
CA ASN A 275 14.22 -7.07 -0.28
C ASN A 275 12.78 -7.55 -0.14
N THR A 276 11.87 -6.99 -0.93
CA THR A 276 10.45 -7.35 -0.86
C THR A 276 9.71 -7.01 -2.14
N LYS A 277 8.51 -7.57 -2.29
CA LYS A 277 7.62 -7.30 -3.42
C LYS A 277 6.57 -6.26 -3.07
N CYS A 278 6.50 -5.90 -1.79
CA CYS A 278 5.42 -5.10 -1.25
C CYS A 278 5.90 -4.40 -0.01
N GLN A 279 5.86 -3.06 -0.01
CA GLN A 279 6.42 -2.27 1.07
C GLN A 279 5.37 -1.35 1.66
N THR A 280 5.40 -1.23 2.99
CA THR A 280 4.56 -0.28 3.72
C THR A 280 5.44 0.57 4.64
N PRO A 281 4.91 1.71 5.10
CA PRO A 281 5.64 2.60 6.03
C PRO A 281 6.05 1.93 7.35
N MET A 282 5.32 0.90 7.76
CA MET A 282 5.62 0.19 9.00
C MET A 282 6.53 -1.02 8.81
N GLY A 283 6.67 -1.46 7.56
CA GLY A 283 7.46 -2.65 7.24
C GLY A 283 7.01 -3.29 5.94
N ALA A 284 7.66 -4.38 5.56
CA ALA A 284 7.40 -5.04 4.27
C ALA A 284 6.54 -6.30 4.45
N ILE A 285 5.84 -6.67 3.38
CA ILE A 285 4.90 -7.80 3.40
C ILE A 285 5.31 -8.90 2.42
N ASN A 286 5.39 -10.13 2.94
CA ASN A 286 5.67 -11.32 2.14
C ASN A 286 4.60 -12.36 2.42
N SER A 287 3.53 -12.35 1.62
CA SER A 287 2.48 -13.35 1.76
C SER A 287 1.61 -13.50 0.51
N SER A 288 0.92 -14.63 0.43
CA SER A 288 0.03 -14.96 -0.69
C SER A 288 -1.44 -14.70 -0.33
N MET A 289 -1.67 -14.05 0.80
CA MET A 289 -3.03 -13.71 1.24
C MET A 289 -3.65 -12.68 0.30
N PRO A 290 -4.97 -12.72 0.13
CA PRO A 290 -5.64 -11.67 -0.63
C PRO A 290 -5.79 -10.35 0.15
N PHE A 291 -5.64 -10.39 1.48
CA PHE A 291 -5.80 -9.20 2.31
C PHE A 291 -4.70 -9.06 3.33
N HIS A 292 -4.52 -7.83 3.80
CA HIS A 292 -3.68 -7.52 4.95
C HIS A 292 -4.28 -6.38 5.75
N ASN A 293 -3.75 -6.13 6.94
CA ASN A 293 -4.25 -5.05 7.80
C ASN A 293 -3.13 -4.21 8.41
N ILE A 294 -2.02 -4.11 7.69
CA ILE A 294 -0.83 -3.42 8.20
C ILE A 294 -0.96 -1.90 8.10
N HIS A 295 -1.14 -1.41 6.87
CA HIS A 295 -1.18 0.04 6.62
C HIS A 295 -1.79 0.28 5.24
N PRO A 296 -2.60 1.35 5.08
CA PRO A 296 -3.24 1.56 3.78
C PRO A 296 -2.29 1.91 2.64
N LEU A 297 -1.36 2.84 2.88
CA LEU A 297 -0.41 3.28 1.85
C LEU A 297 0.67 2.24 1.60
N THR A 298 0.58 1.52 0.49
CA THR A 298 1.61 0.55 0.13
C THR A 298 2.10 0.79 -1.29
N ILE A 299 3.17 0.09 -1.65
CA ILE A 299 3.69 0.13 -3.00
C ILE A 299 4.19 -1.26 -3.39
N GLY A 300 3.95 -1.63 -4.66
CA GLY A 300 4.33 -2.94 -5.17
C GLY A 300 3.13 -3.86 -5.33
N GLU A 301 3.41 -5.14 -5.59
CA GLU A 301 2.35 -6.15 -5.73
C GLU A 301 1.93 -6.56 -4.33
N CYS A 302 0.82 -5.99 -3.86
CA CYS A 302 0.39 -6.15 -2.47
C CYS A 302 -1.00 -6.77 -2.36
N PRO A 303 -1.29 -7.37 -1.18
CA PRO A 303 -2.67 -7.71 -0.89
C PRO A 303 -3.50 -6.45 -0.66
N LYS A 304 -4.81 -6.58 -0.60
CA LYS A 304 -5.68 -5.43 -0.38
C LYS A 304 -5.74 -5.12 1.11
N TYR A 305 -5.76 -3.84 1.45
CA TYR A 305 -5.81 -3.43 2.83
C TYR A 305 -7.25 -3.39 3.32
N VAL A 306 -7.48 -3.95 4.49
CA VAL A 306 -8.75 -3.78 5.21
C VAL A 306 -8.48 -3.43 6.66
N LYS A 307 -9.51 -2.93 7.34
CA LYS A 307 -9.38 -2.58 8.76
C LYS A 307 -9.67 -3.75 9.72
N SER A 308 -9.80 -4.96 9.20
CA SER A 308 -10.19 -6.10 10.03
C SER A 308 -9.05 -6.62 10.88
N ASN A 309 -9.40 -7.18 12.03
CA ASN A 309 -8.45 -7.91 12.86
C ASN A 309 -8.41 -9.40 12.52
N ARG A 310 -9.46 -9.86 11.84
CA ARG A 310 -9.67 -11.28 11.60
C ARG A 310 -10.57 -11.53 10.38
N LEU A 311 -10.07 -12.31 9.43
CA LEU A 311 -10.88 -12.80 8.31
C LEU A 311 -10.53 -14.25 8.01
N VAL A 312 -11.42 -15.15 8.42
CA VAL A 312 -11.22 -16.57 8.26
C VAL A 312 -12.44 -17.19 7.59
N LEU A 313 -12.20 -17.94 6.52
CA LEU A 313 -13.27 -18.61 5.79
C LEU A 313 -13.38 -20.04 6.25
N ALA A 314 -14.62 -20.51 6.39
CA ALA A 314 -14.88 -21.91 6.60
C ALA A 314 -14.61 -22.60 5.28
N THR A 315 -13.82 -23.67 5.32
CA THR A 315 -13.74 -24.62 4.21
C THR A 315 -14.39 -25.93 4.60
N GLY A 316 -14.14 -26.36 5.83
CA GLY A 316 -14.68 -27.62 6.34
C GLY A 316 -16.05 -27.45 6.94
N LEU A 317 -16.43 -28.40 7.80
CA LEU A 317 -17.77 -28.40 8.39
C LEU A 317 -17.70 -28.27 9.90
N ARG A 318 -18.85 -28.01 10.51
CA ARG A 318 -18.95 -27.86 11.95
C ARG A 318 -18.33 -29.09 12.63
N ASN A 319 -17.28 -28.84 13.40
CA ASN A 319 -16.54 -29.90 14.07
C ASN A 319 -17.21 -30.29 15.37
N SER A 320 -17.30 -31.60 15.61
CA SER A 320 -17.96 -32.13 16.80
C SER A 320 -17.07 -31.98 18.05
N PRO A 321 -17.70 -31.76 19.23
CA PRO A 321 -16.93 -31.54 20.46
C PRO A 321 -16.19 -32.80 20.95
N GLY B 1 -28.33 -26.70 12.04
CA GLY B 1 -28.15 -26.33 10.62
C GLY B 1 -29.41 -26.47 9.81
N LEU B 2 -29.47 -25.79 8.69
CA LEU B 2 -30.70 -25.71 7.90
C LEU B 2 -31.24 -27.06 7.43
N PHE B 3 -30.36 -28.02 7.17
CA PHE B 3 -30.78 -29.26 6.53
C PHE B 3 -30.94 -30.42 7.50
N GLY B 4 -30.66 -30.16 8.78
CA GLY B 4 -31.03 -31.06 9.86
C GLY B 4 -30.09 -32.21 10.14
N ALA B 5 -29.13 -32.49 9.26
CA ALA B 5 -28.28 -33.67 9.43
C ALA B 5 -27.16 -33.43 10.42
N ILE B 6 -26.23 -32.56 10.04
CA ILE B 6 -25.04 -32.28 10.84
C ILE B 6 -25.46 -31.66 12.17
N ALA B 7 -25.03 -32.26 13.27
CA ALA B 7 -25.42 -31.82 14.61
C ALA B 7 -26.93 -31.68 14.74
N GLY B 8 -27.66 -32.60 14.11
CA GLY B 8 -29.12 -32.61 14.13
C GLY B 8 -29.56 -34.03 14.43
N PHE B 9 -30.06 -34.75 13.42
CA PHE B 9 -30.42 -36.14 13.62
C PHE B 9 -29.17 -37.02 13.64
N ILE B 10 -28.06 -36.51 13.10
CA ILE B 10 -26.74 -37.13 13.26
C ILE B 10 -25.96 -36.34 14.32
N GLU B 11 -25.97 -36.84 15.55
CA GLU B 11 -25.43 -36.11 16.70
C GLU B 11 -24.07 -35.48 16.51
N GLY B 12 -23.14 -36.24 15.93
CA GLY B 12 -21.75 -35.80 15.80
C GLY B 12 -20.99 -36.45 14.65
N GLY B 13 -19.82 -35.90 14.36
CA GLY B 13 -18.95 -36.42 13.32
C GLY B 13 -18.13 -37.62 13.75
N TRP B 14 -17.25 -38.08 12.85
CA TRP B 14 -16.46 -39.27 13.06
C TRP B 14 -14.98 -39.00 12.93
N GLN B 15 -14.28 -39.01 14.07
CA GLN B 15 -12.82 -38.96 14.09
C GLN B 15 -12.21 -40.05 13.22
N GLY B 16 -12.86 -41.21 13.17
CA GLY B 16 -12.36 -42.38 12.43
C GLY B 16 -12.55 -42.38 10.91
N MET B 17 -13.26 -41.39 10.36
CA MET B 17 -13.34 -41.23 8.92
C MET B 17 -12.41 -40.10 8.44
N VAL B 18 -11.21 -40.51 8.03
CA VAL B 18 -10.12 -39.59 7.76
C VAL B 18 -9.97 -39.23 6.29
N ASP B 19 -10.45 -40.10 5.40
CA ASP B 19 -10.21 -39.95 3.97
C ASP B 19 -11.35 -39.24 3.22
N GLY B 20 -12.24 -38.56 3.95
CA GLY B 20 -13.31 -37.82 3.30
C GLY B 20 -14.13 -36.99 4.27
N TRP B 21 -15.01 -36.15 3.72
CA TRP B 21 -15.89 -35.31 4.54
C TRP B 21 -17.17 -36.03 4.91
N TYR B 22 -17.73 -36.79 3.98
CA TYR B 22 -18.95 -37.55 4.21
C TYR B 22 -18.71 -38.99 3.82
N GLY B 23 -19.44 -39.89 4.45
CA GLY B 23 -19.29 -41.30 4.15
C GLY B 23 -20.12 -42.22 5.01
N TYR B 24 -19.71 -43.49 5.03
CA TYR B 24 -20.47 -44.59 5.59
C TYR B 24 -19.70 -45.27 6.69
N HIS B 25 -20.41 -45.70 7.73
CA HIS B 25 -19.87 -46.66 8.69
C HIS B 25 -20.75 -47.90 8.73
N HIS B 26 -20.13 -49.08 8.65
CA HIS B 26 -20.87 -50.33 8.62
C HIS B 26 -20.54 -51.23 9.81
N SER B 27 -21.46 -52.12 10.13
CA SER B 27 -21.30 -53.10 11.22
C SER B 27 -22.00 -54.38 10.85
N ASN B 28 -21.24 -55.46 10.68
CA ASN B 28 -21.79 -56.77 10.37
C ASN B 28 -20.95 -57.88 11.02
N GLU B 29 -21.31 -59.13 10.78
CA GLU B 29 -20.58 -60.24 11.38
C GLU B 29 -19.08 -60.11 11.13
N GLN B 30 -18.72 -59.79 9.89
CA GLN B 30 -17.31 -59.76 9.48
C GLN B 30 -16.49 -58.60 10.07
N GLY B 31 -17.15 -57.57 10.57
CA GLY B 31 -16.43 -56.46 11.21
C GLY B 31 -17.11 -55.11 11.10
N SER B 32 -16.30 -54.06 11.11
CA SER B 32 -16.83 -52.70 11.01
C SER B 32 -15.79 -51.72 10.49
N GLY B 33 -16.24 -50.57 10.04
CA GLY B 33 -15.32 -49.55 9.57
C GLY B 33 -15.95 -48.39 8.83
N TYR B 34 -15.11 -47.42 8.47
CA TYR B 34 -15.54 -46.22 7.79
C TYR B 34 -15.14 -46.28 6.33
N ALA B 35 -15.99 -45.75 5.47
CA ALA B 35 -15.66 -45.57 4.06
C ALA B 35 -16.19 -44.21 3.63
N ALA B 36 -15.29 -43.34 3.20
CA ALA B 36 -15.67 -42.05 2.65
C ALA B 36 -16.44 -42.23 1.36
N ASP B 37 -17.41 -41.36 1.10
CA ASP B 37 -18.07 -41.28 -0.20
C ASP B 37 -17.28 -40.30 -1.08
N LYS B 38 -16.56 -40.84 -2.05
CA LYS B 38 -15.65 -40.05 -2.89
C LYS B 38 -16.38 -38.99 -3.71
N GLU B 39 -17.48 -39.38 -4.36
CA GLU B 39 -18.23 -38.50 -5.26
C GLU B 39 -18.75 -37.24 -4.58
N SER B 40 -19.47 -37.41 -3.48
CA SER B 40 -20.06 -36.27 -2.77
C SER B 40 -18.98 -35.41 -2.12
N THR B 41 -17.91 -36.05 -1.65
CA THR B 41 -16.79 -35.34 -1.04
C THR B 41 -16.08 -34.44 -2.06
N GLN B 42 -15.69 -35.01 -3.19
CA GLN B 42 -14.98 -34.26 -4.23
C GLN B 42 -15.84 -33.12 -4.78
N LYS B 43 -17.14 -33.36 -4.87
CA LYS B 43 -18.09 -32.35 -5.30
C LYS B 43 -18.09 -31.17 -4.33
N ALA B 44 -18.02 -31.49 -3.04
CA ALA B 44 -17.95 -30.47 -2.00
C ALA B 44 -16.64 -29.72 -2.03
N ILE B 45 -15.55 -30.43 -2.35
CA ILE B 45 -14.24 -29.79 -2.43
C ILE B 45 -14.18 -28.79 -3.57
N ASP B 46 -14.78 -29.13 -4.70
CA ASP B 46 -14.82 -28.23 -5.85
C ASP B 46 -15.64 -26.98 -5.52
N GLY B 47 -16.81 -27.18 -4.92
CA GLY B 47 -17.67 -26.06 -4.56
C GLY B 47 -16.97 -25.03 -3.69
N VAL B 48 -16.32 -25.51 -2.63
CA VAL B 48 -15.63 -24.66 -1.68
C VAL B 48 -14.39 -24.00 -2.30
N THR B 49 -13.62 -24.77 -3.05
CA THR B 49 -12.45 -24.24 -3.75
C THR B 49 -12.83 -23.09 -4.68
N ASN B 50 -13.91 -23.26 -5.44
CA ASN B 50 -14.39 -22.21 -6.33
C ASN B 50 -14.88 -21.00 -5.55
N LYS B 51 -15.56 -21.25 -4.43
CA LYS B 51 -16.05 -20.19 -3.56
C LYS B 51 -14.91 -19.30 -3.14
N VAL B 52 -13.85 -19.90 -2.64
CA VAL B 52 -12.71 -19.16 -2.12
C VAL B 52 -12.07 -18.33 -3.23
N ASN B 53 -11.82 -18.96 -4.38
CA ASN B 53 -11.25 -18.24 -5.53
C ASN B 53 -12.18 -17.14 -6.04
N SER B 54 -13.49 -17.34 -5.91
CA SER B 54 -14.46 -16.34 -6.34
C SER B 54 -14.43 -15.14 -5.41
N ILE B 55 -14.32 -15.42 -4.11
CA ILE B 55 -14.19 -14.39 -3.09
C ILE B 55 -12.89 -13.61 -3.30
N ILE B 56 -11.77 -14.31 -3.38
CA ILE B 56 -10.48 -13.67 -3.62
C ILE B 56 -10.53 -12.79 -4.88
N ASP B 57 -11.13 -13.31 -5.95
CA ASP B 57 -11.17 -12.60 -7.23
C ASP B 57 -12.05 -11.35 -7.19
N LYS B 58 -13.24 -11.44 -6.59
CA LYS B 58 -14.13 -10.28 -6.51
C LYS B 58 -13.48 -9.13 -5.75
N MET B 59 -12.67 -9.46 -4.74
CA MET B 59 -12.00 -8.46 -3.91
C MET B 59 -10.67 -7.98 -4.52
N ASN B 60 -10.32 -8.54 -5.67
CA ASN B 60 -9.11 -8.17 -6.42
C ASN B 60 -9.08 -6.69 -6.82
N THR B 61 -10.22 -6.18 -7.28
CA THR B 61 -10.37 -4.77 -7.61
C THR B 61 -10.95 -4.08 -6.39
N GLN B 62 -10.17 -3.20 -5.78
CA GLN B 62 -10.55 -2.56 -4.52
C GLN B 62 -9.70 -1.32 -4.28
N PHE B 63 -10.27 -0.33 -3.58
CA PHE B 63 -9.64 0.97 -3.40
C PHE B 63 -8.24 0.88 -2.79
N GLU B 64 -7.31 1.58 -3.42
CA GLU B 64 -5.95 1.71 -2.94
C GLU B 64 -5.66 3.17 -2.63
N ALA B 65 -5.18 3.41 -1.40
CA ALA B 65 -4.87 4.75 -0.97
C ALA B 65 -3.60 5.25 -1.65
N VAL B 66 -3.56 6.55 -1.93
CA VAL B 66 -2.39 7.21 -2.50
C VAL B 66 -2.04 8.37 -1.58
N GLY B 67 -0.74 8.57 -1.37
CA GLY B 67 -0.26 9.67 -0.54
C GLY B 67 -0.45 11.02 -1.21
N ARG B 68 -1.08 11.94 -0.50
CA ARG B 68 -1.25 13.31 -0.98
C ARG B 68 -1.00 14.26 0.18
N GLU B 69 -0.27 15.33 -0.10
CA GLU B 69 0.08 16.31 0.93
C GLU B 69 -0.55 17.64 0.59
N PHE B 70 -0.78 18.45 1.63
CA PHE B 70 -1.46 19.73 1.49
C PHE B 70 -0.84 20.72 2.47
N ASN B 71 -0.74 21.99 2.07
CA ASN B 71 -0.13 23.01 2.94
C ASN B 71 -1.11 23.45 4.03
N ASN B 72 -0.65 24.37 4.87
CA ASN B 72 -1.39 24.80 6.05
C ASN B 72 -2.72 25.53 5.77
N LEU B 73 -2.88 26.07 4.57
CA LEU B 73 -4.13 26.72 4.16
C LEU B 73 -4.89 25.92 3.10
N GLU B 74 -4.75 24.60 3.15
CA GLU B 74 -5.51 23.68 2.32
C GLU B 74 -6.17 22.64 3.20
N ARG B 75 -6.63 23.06 4.37
CA ARG B 75 -7.13 22.14 5.38
C ARG B 75 -8.42 21.46 4.96
N ARG B 76 -9.25 22.16 4.20
CA ARG B 76 -10.51 21.59 3.75
C ARG B 76 -10.31 20.42 2.78
N ILE B 77 -9.49 20.63 1.74
CA ILE B 77 -9.22 19.55 0.78
C ILE B 77 -8.36 18.44 1.39
N GLU B 78 -7.54 18.76 2.39
CA GLU B 78 -6.83 17.72 3.13
C GLU B 78 -7.84 16.82 3.83
N ASN B 79 -8.78 17.44 4.53
CA ASN B 79 -9.83 16.73 5.25
C ASN B 79 -10.74 15.99 4.28
N LEU B 80 -11.02 16.60 3.14
CA LEU B 80 -11.83 15.95 2.11
C LEU B 80 -11.16 14.66 1.70
N ASN B 81 -9.86 14.76 1.40
CA ASN B 81 -9.05 13.63 1.00
C ASN B 81 -8.97 12.56 2.08
N LYS B 82 -8.90 12.98 3.33
CA LYS B 82 -8.83 12.07 4.45
C LYS B 82 -10.14 11.29 4.54
N LYS B 83 -11.25 12.00 4.55
CA LYS B 83 -12.58 11.38 4.65
C LYS B 83 -12.92 10.53 3.44
N MET B 84 -12.37 10.89 2.27
CA MET B 84 -12.59 10.10 1.07
C MET B 84 -11.88 8.76 1.16
N GLU B 85 -10.60 8.77 1.52
CA GLU B 85 -9.80 7.54 1.57
C GLU B 85 -10.28 6.60 2.67
N ASP B 86 -10.64 7.18 3.82
CA ASP B 86 -11.24 6.41 4.90
C ASP B 86 -12.59 5.81 4.54
N GLY B 87 -13.40 6.59 3.82
CA GLY B 87 -14.72 6.16 3.43
C GLY B 87 -14.67 4.86 2.64
N PHE B 88 -13.77 4.81 1.66
CA PHE B 88 -13.60 3.62 0.86
C PHE B 88 -13.06 2.44 1.69
N LEU B 89 -12.08 2.68 2.54
CA LEU B 89 -11.54 1.62 3.40
C LEU B 89 -12.63 0.99 4.28
N ASP B 90 -13.54 1.82 4.78
CA ASP B 90 -14.65 1.35 5.60
C ASP B 90 -15.67 0.56 4.77
N VAL B 91 -15.89 1.00 3.55
CA VAL B 91 -16.80 0.31 2.63
C VAL B 91 -16.25 -1.05 2.25
N TRP B 92 -14.94 -1.11 2.00
CA TRP B 92 -14.32 -2.35 1.57
C TRP B 92 -14.08 -3.30 2.74
N THR B 93 -13.84 -2.77 3.92
CA THR B 93 -13.75 -3.56 5.12
C THR B 93 -15.10 -4.24 5.38
N TYR B 94 -16.17 -3.45 5.32
CA TYR B 94 -17.53 -3.95 5.48
C TYR B 94 -17.79 -5.05 4.45
N ASN B 95 -17.53 -4.75 3.19
CA ASN B 95 -17.73 -5.72 2.11
C ASN B 95 -17.03 -7.04 2.40
N ALA B 96 -15.81 -6.98 2.89
CA ALA B 96 -15.02 -8.17 3.15
C ALA B 96 -15.54 -8.98 4.35
N GLU B 97 -15.85 -8.31 5.45
CA GLU B 97 -16.28 -8.98 6.67
C GLU B 97 -17.66 -9.59 6.52
N LEU B 98 -18.53 -8.93 5.78
CA LEU B 98 -19.88 -9.41 5.56
C LEU B 98 -19.86 -10.59 4.62
N LEU B 99 -19.16 -10.46 3.50
CA LEU B 99 -19.06 -11.55 2.55
C LEU B 99 -18.59 -12.82 3.24
N VAL B 100 -17.60 -12.69 4.13
CA VAL B 100 -17.10 -13.83 4.89
C VAL B 100 -18.18 -14.42 5.80
N LEU B 101 -18.83 -13.56 6.58
CA LEU B 101 -19.95 -13.95 7.45
C LEU B 101 -21.04 -14.70 6.69
N MET B 102 -21.46 -14.15 5.57
CA MET B 102 -22.56 -14.70 4.81
C MET B 102 -22.19 -16.02 4.16
N GLU B 103 -20.99 -16.08 3.58
CA GLU B 103 -20.58 -17.30 2.90
C GLU B 103 -20.13 -18.38 3.86
N ASN B 104 -19.68 -18.00 5.04
CA ASN B 104 -19.38 -18.99 6.07
C ASN B 104 -20.64 -19.73 6.46
N GLU B 105 -21.72 -18.99 6.69
CA GLU B 105 -22.98 -19.62 7.03
C GLU B 105 -23.44 -20.52 5.90
N ARG B 106 -23.26 -20.07 4.66
CA ARG B 106 -23.69 -20.86 3.52
C ARG B 106 -22.83 -22.12 3.36
N THR B 107 -21.54 -22.01 3.67
CA THR B 107 -20.62 -23.14 3.55
C THR B 107 -20.96 -24.25 4.55
N LEU B 108 -21.34 -23.87 5.77
CA LEU B 108 -21.72 -24.85 6.77
C LEU B 108 -23.03 -25.53 6.40
N ASP B 109 -23.98 -24.73 5.94
CA ASP B 109 -25.25 -25.26 5.45
C ASP B 109 -25.02 -26.17 4.24
N PHE B 110 -24.08 -25.81 3.37
CA PHE B 110 -23.77 -26.60 2.19
C PHE B 110 -23.33 -28.02 2.58
N HIS B 111 -22.44 -28.12 3.55
CA HIS B 111 -22.01 -29.41 4.07
C HIS B 111 -23.17 -30.22 4.66
N ASP B 112 -24.04 -29.54 5.40
CA ASP B 112 -25.23 -30.15 5.98
C ASP B 112 -26.08 -30.75 4.87
N SER B 113 -26.26 -29.97 3.81
CA SER B 113 -27.06 -30.38 2.65
C SER B 113 -26.48 -31.63 2.02
N ASN B 114 -25.17 -31.63 1.80
CA ASN B 114 -24.49 -32.79 1.22
C ASN B 114 -24.70 -34.06 2.05
N VAL B 115 -24.70 -33.92 3.37
CA VAL B 115 -24.89 -35.07 4.25
C VAL B 115 -26.32 -35.57 4.16
N LYS B 116 -27.27 -34.65 4.23
CA LYS B 116 -28.69 -34.96 4.12
C LYS B 116 -28.99 -35.66 2.82
N ASN B 117 -28.44 -35.15 1.71
CA ASN B 117 -28.71 -35.73 0.40
C ASN B 117 -28.16 -37.14 0.28
N LEU B 118 -26.98 -37.34 0.84
CA LEU B 118 -26.34 -38.65 0.89
C LEU B 118 -27.16 -39.62 1.76
N TYR B 119 -27.67 -39.11 2.88
CA TYR B 119 -28.54 -39.90 3.73
C TYR B 119 -29.79 -40.32 2.98
N ASP B 120 -30.39 -39.37 2.27
CA ASP B 120 -31.63 -39.65 1.57
C ASP B 120 -31.40 -40.61 0.41
N LYS B 121 -30.23 -40.54 -0.22
CA LYS B 121 -29.92 -41.43 -1.33
C LYS B 121 -29.89 -42.89 -0.88
N VAL B 122 -29.30 -43.12 0.29
CA VAL B 122 -29.28 -44.44 0.90
C VAL B 122 -30.68 -44.85 1.37
N ARG B 123 -31.42 -43.91 1.95
CA ARG B 123 -32.77 -44.18 2.41
C ARG B 123 -33.66 -44.67 1.28
N LEU B 124 -33.55 -44.03 0.11
CA LEU B 124 -34.36 -44.40 -1.06
C LEU B 124 -34.00 -45.76 -1.65
N GLN B 125 -32.81 -46.26 -1.35
CA GLN B 125 -32.36 -47.57 -1.81
C GLN B 125 -32.85 -48.67 -0.90
N LEU B 126 -32.64 -48.50 0.40
CA LEU B 126 -33.00 -49.52 1.37
C LEU B 126 -34.51 -49.67 1.47
N ARG B 127 -35.21 -48.55 1.46
CA ARG B 127 -36.68 -48.53 1.52
C ARG B 127 -37.22 -49.33 2.72
N ASP B 128 -37.77 -50.52 2.49
CA ASP B 128 -38.39 -51.32 3.53
C ASP B 128 -37.49 -52.47 4.00
N ASN B 129 -36.35 -52.68 3.32
CA ASN B 129 -35.42 -53.75 3.69
C ASN B 129 -34.55 -53.43 4.92
N ALA B 130 -34.73 -52.26 5.50
CA ALA B 130 -33.99 -51.84 6.69
C ALA B 130 -34.81 -50.93 7.59
N LYS B 131 -34.50 -50.95 8.89
CA LYS B 131 -35.19 -50.14 9.89
C LYS B 131 -34.45 -48.81 10.08
N GLU B 132 -35.12 -47.70 9.78
CA GLU B 132 -34.52 -46.37 9.89
C GLU B 132 -34.46 -45.95 11.37
N LEU B 133 -33.27 -46.02 11.96
CA LEU B 133 -33.13 -45.85 13.41
C LEU B 133 -33.40 -44.45 13.92
N GLY B 134 -33.21 -43.44 13.07
CA GLY B 134 -33.44 -42.04 13.43
C GLY B 134 -32.20 -41.28 13.86
N ASN B 135 -31.02 -41.88 13.66
CA ASN B 135 -29.76 -41.27 14.09
C ASN B 135 -28.69 -41.24 13.00
N GLY B 136 -29.11 -41.50 11.76
CA GLY B 136 -28.19 -41.67 10.64
C GLY B 136 -27.99 -43.12 10.23
N CYS B 137 -28.47 -44.05 11.05
CA CYS B 137 -28.21 -45.48 10.82
C CYS B 137 -29.43 -46.25 10.33
N PHE B 138 -29.16 -47.23 9.48
CA PHE B 138 -30.17 -48.13 8.98
C PHE B 138 -29.82 -49.55 9.42
N GLU B 139 -30.71 -50.17 10.18
CA GLU B 139 -30.53 -51.54 10.66
C GLU B 139 -31.24 -52.51 9.73
N PHE B 140 -30.48 -53.45 9.15
CA PHE B 140 -31.01 -54.36 8.14
C PHE B 140 -31.84 -55.48 8.74
N TYR B 141 -32.86 -55.91 7.99
CA TYR B 141 -33.68 -57.06 8.38
C TYR B 141 -33.02 -58.36 7.94
N HIS B 142 -32.57 -58.37 6.69
CA HIS B 142 -31.70 -59.44 6.20
C HIS B 142 -30.29 -59.21 6.71
N LYS B 143 -29.49 -60.28 6.72
CA LYS B 143 -28.09 -60.18 7.11
C LYS B 143 -27.34 -59.54 5.93
N CYS B 144 -26.35 -58.71 6.23
CA CYS B 144 -25.70 -57.89 5.21
C CYS B 144 -24.19 -57.97 5.32
N ASP B 145 -23.57 -58.77 4.46
CA ASP B 145 -22.09 -58.93 4.46
C ASP B 145 -21.40 -57.75 3.76
N ASN B 146 -20.09 -57.84 3.54
CA ASN B 146 -19.32 -56.74 2.96
C ASN B 146 -19.67 -56.40 1.51
N GLU B 147 -20.02 -57.41 0.71
CA GLU B 147 -20.56 -57.18 -0.64
C GLU B 147 -21.88 -56.43 -0.54
N CYS B 148 -22.73 -56.87 0.38
CA CYS B 148 -24.04 -56.25 0.61
C CYS B 148 -23.88 -54.80 1.05
N MET B 149 -22.89 -54.56 1.91
CA MET B 149 -22.56 -53.19 2.31
C MET B 149 -22.05 -52.41 1.11
N GLU B 150 -21.06 -52.98 0.43
CA GLU B 150 -20.47 -52.33 -0.73
C GLU B 150 -21.53 -51.96 -1.77
N SER B 151 -22.54 -52.81 -1.95
CA SER B 151 -23.59 -52.57 -2.92
C SER B 151 -24.44 -51.34 -2.55
N VAL B 152 -24.61 -51.09 -1.25
CA VAL B 152 -25.27 -49.87 -0.79
C VAL B 152 -24.41 -48.66 -1.11
N ARG B 153 -23.11 -48.76 -0.86
CA ARG B 153 -22.17 -47.68 -1.20
C ARG B 153 -22.05 -47.47 -2.71
N ASN B 154 -22.15 -48.57 -3.46
CA ASN B 154 -22.17 -48.53 -4.93
C ASN B 154 -23.30 -47.68 -5.49
N GLY B 155 -24.48 -47.85 -4.91
CA GLY B 155 -25.73 -47.43 -5.53
C GLY B 155 -26.39 -48.60 -6.26
N THR B 156 -25.85 -49.80 -6.05
CA THR B 156 -26.27 -51.00 -6.77
C THR B 156 -26.96 -51.99 -5.84
N TYR B 157 -27.61 -51.48 -4.80
CA TYR B 157 -28.30 -52.35 -3.86
C TYR B 157 -29.66 -52.73 -4.43
N ASP B 158 -29.81 -54.00 -4.79
CA ASP B 158 -31.05 -54.49 -5.39
C ASP B 158 -32.11 -54.79 -4.33
N TYR B 159 -33.22 -54.07 -4.41
CA TYR B 159 -34.40 -54.39 -3.60
C TYR B 159 -34.93 -55.80 -3.89
N PRO B 160 -35.08 -56.17 -5.18
CA PRO B 160 -35.64 -57.50 -5.54
C PRO B 160 -34.82 -58.69 -5.05
N GLN B 161 -33.50 -58.52 -4.93
CA GLN B 161 -32.62 -59.59 -4.44
C GLN B 161 -32.85 -59.88 -2.95
N TYR B 162 -33.26 -58.87 -2.21
CA TYR B 162 -33.59 -59.02 -0.79
C TYR B 162 -35.06 -58.66 -0.57
#